data_3OGH
#
_entry.id   3OGH
#
_cell.length_a   30.148
_cell.length_b   90.295
_cell.length_c   58.132
_cell.angle_alpha   90.00
_cell.angle_beta   103.51
_cell.angle_gamma   90.00
#
_symmetry.space_group_name_H-M   'P 1 21 1'
#
loop_
_entity.id
_entity.type
_entity.pdbx_description
1 polymer 'Protein yciE'
2 non-polymer 'MAGNESIUM ION'
3 non-polymer 'FE (III) ION'
4 non-polymer 'CHLORIDE ION'
5 water water
#
_entity_poly.entity_id   1
_entity_poly.type   'polypeptide(L)'
_entity_poly.pdbx_seq_one_letter_code
;SNA(MSE)NRIEHYHDWLRDAHA(MSE)EKQAES(MSE)LES(MSE)ASRIDNYPELRARIEQHLSETKNQIVQLETILD
RNDISRSVIKDS(MSE)SK(MSE)AALGQSIGGIFPSDEIVKGSISGYVFEQFEIACYTSLLAAAKNAGDTASIPTIEAI
LNEEKH(MSE)ADWLIQHIPQTTEKFLIRSETDGVEAKK
;
_entity_poly.pdbx_strand_id   B,A
#
# COMPACT_ATOMS: atom_id res chain seq x y z
N SER A 1 0.09 -26.61 23.60
CA SER A 1 -0.94 -26.38 22.55
C SER A 1 -2.06 -25.46 23.06
N ASN A 2 -2.55 -24.52 22.22
CA ASN A 2 -3.86 -23.96 22.44
C ASN A 2 -4.52 -23.54 21.15
N ALA A 3 -5.43 -24.40 20.63
CA ALA A 3 -6.13 -24.11 19.39
C ALA A 3 -6.92 -22.81 19.46
N ASN A 5 -6.04 -20.11 20.44
CA ASN A 5 -5.24 -18.92 20.09
C ASN A 5 -5.48 -18.47 18.64
N ARG A 6 -5.80 -19.42 17.78
CA ARG A 6 -6.11 -19.10 16.40
C ARG A 6 -7.40 -18.27 16.27
N ILE A 7 -8.39 -18.60 17.05
CA ILE A 7 -9.67 -17.89 17.05
C ILE A 7 -9.48 -16.52 17.65
N GLU A 8 -8.64 -16.41 18.73
CA GLU A 8 -8.34 -15.09 19.36
C GLU A 8 -7.70 -14.18 18.29
N HIS A 9 -6.75 -14.72 17.52
CA HIS A 9 -6.12 -13.95 16.43
C HIS A 9 -7.15 -13.49 15.38
N TYR A 10 -8.03 -14.39 14.97
CA TYR A 10 -9.05 -14.05 14.02
C TYR A 10 -9.94 -12.89 14.53
N HIS A 11 -10.40 -13.04 15.78
CA HIS A 11 -11.27 -12.02 16.37
C HIS A 11 -10.46 -10.72 16.42
N ASP A 12 -9.20 -10.76 16.83
CA ASP A 12 -8.38 -9.52 16.89
C ASP A 12 -8.28 -8.81 15.51
N TRP A 13 -8.14 -9.63 14.45
CA TRP A 13 -8.05 -9.07 13.09
C TRP A 13 -9.34 -8.53 12.58
N LEU A 14 -10.46 -9.09 13.04
CA LEU A 14 -11.81 -8.58 12.69
C LEU A 14 -11.94 -7.18 13.34
N ARG A 15 -11.52 -7.08 14.61
CA ARG A 15 -11.55 -5.77 15.29
C ARG A 15 -10.58 -4.81 14.66
N ASP A 16 -9.39 -5.23 14.26
CA ASP A 16 -8.43 -4.41 13.54
C ASP A 16 -9.08 -3.86 12.24
N ALA A 17 -9.77 -4.74 11.48
CA ALA A 17 -10.38 -4.33 10.23
C ALA A 17 -11.48 -3.29 10.47
N HIS A 18 -12.31 -3.49 11.49
CA HIS A 18 -13.28 -2.50 11.82
C HIS A 18 -12.63 -1.13 12.11
N ALA A 19 -11.57 -1.12 12.92
CA ALA A 19 -10.83 0.12 13.23
C ALA A 19 -10.23 0.78 11.99
N GLU A 21 -11.47 0.58 8.97
CA GLU A 21 -12.51 1.23 8.23
C GLU A 21 -12.92 2.54 8.88
N LYS A 22 -12.88 2.61 10.19
CA LYS A 22 -13.09 3.94 10.80
C LYS A 22 -12.05 4.94 10.38
N GLN A 23 -10.80 4.51 10.30
CA GLN A 23 -9.67 5.35 9.86
C GLN A 23 -9.92 5.76 8.37
N ALA A 24 -10.34 4.77 7.57
CA ALA A 24 -10.63 5.10 6.17
C ALA A 24 -11.70 6.14 6.01
N GLU A 25 -12.77 6.02 6.81
CA GLU A 25 -13.91 6.87 6.70
C GLU A 25 -13.48 8.34 7.04
N SER A 26 -12.62 8.48 8.05
CA SER A 26 -12.08 9.81 8.47
C SER A 26 -11.18 10.39 7.39
N LEU A 28 -11.09 9.64 4.13
CA LEU A 28 -11.77 9.93 2.88
C LEU A 28 -12.54 11.24 3.00
N GLU A 29 -13.27 11.40 4.14
CA GLU A 29 -13.97 12.68 4.44
C GLU A 29 -13.02 13.85 4.43
N SER A 30 -11.85 13.72 5.03
CA SER A 30 -10.85 14.79 5.04
C SER A 30 -10.32 15.14 3.66
N ALA A 32 -11.82 14.55 0.74
CA ALA A 32 -12.87 15.14 -0.11
C ALA A 32 -13.00 16.65 0.20
N SER A 33 -13.08 16.95 1.48
CA SER A 33 -13.26 18.37 1.92
C SER A 33 -12.14 19.30 1.50
N ARG A 34 -10.97 18.74 1.20
CA ARG A 34 -9.79 19.55 0.88
C ARG A 34 -9.52 19.75 -0.61
N ILE A 35 -10.01 18.85 -1.48
CA ILE A 35 -9.71 18.88 -2.89
C ILE A 35 -10.55 19.94 -3.61
N ASP A 36 -9.86 20.73 -4.41
CA ASP A 36 -10.50 21.69 -5.29
C ASP A 36 -9.80 21.49 -6.62
N ASN A 37 -10.55 21.65 -7.67
CA ASN A 37 -10.07 21.60 -9.00
C ASN A 37 -9.63 20.26 -9.57
N TYR A 38 -10.04 19.17 -8.93
CA TYR A 38 -9.87 17.81 -9.48
C TYR A 38 -11.19 17.09 -9.33
N PRO A 39 -12.13 17.37 -10.25
CA PRO A 39 -13.52 16.95 -10.00
C PRO A 39 -13.71 15.42 -10.00
N GLU A 40 -13.03 14.72 -10.89
CA GLU A 40 -13.20 13.27 -10.95
C GLU A 40 -12.65 12.61 -9.73
N LEU A 41 -11.45 13.07 -9.31
CA LEU A 41 -10.79 12.48 -8.18
C LEU A 41 -11.64 12.72 -6.96
N ARG A 42 -12.11 13.94 -6.80
CA ARG A 42 -12.90 14.22 -5.63
C ARG A 42 -14.18 13.39 -5.55
N ALA A 43 -14.90 13.30 -6.67
CA ALA A 43 -16.13 12.54 -6.73
C ALA A 43 -15.87 11.05 -6.47
N ARG A 44 -14.77 10.51 -6.94
CA ARG A 44 -14.52 9.10 -6.70
C ARG A 44 -14.26 8.86 -5.23
N ILE A 45 -13.55 9.79 -4.63
CA ILE A 45 -13.28 9.74 -3.12
C ILE A 45 -14.58 9.83 -2.31
N GLU A 46 -15.48 10.75 -2.73
CA GLU A 46 -16.82 10.87 -2.15
C GLU A 46 -17.65 9.61 -2.32
N GLN A 47 -17.55 8.95 -3.48
CA GLN A 47 -18.24 7.66 -3.71
C GLN A 47 -17.65 6.61 -2.81
N HIS A 48 -16.33 6.57 -2.69
CA HIS A 48 -15.72 5.53 -1.86
C HIS A 48 -16.03 5.74 -0.41
N LEU A 49 -16.21 7.00 0.03
CA LEU A 49 -16.67 7.25 1.38
C LEU A 49 -18.01 6.61 1.64
N SER A 50 -18.92 6.73 0.67
CA SER A 50 -20.21 6.08 0.79
C SER A 50 -20.04 4.57 0.87
N GLU A 51 -19.16 4.06 0.03
CA GLU A 51 -18.87 2.60 0.02
C GLU A 51 -18.31 2.16 1.37
N THR A 52 -17.42 2.94 1.94
CA THR A 52 -16.76 2.62 3.18
C THR A 52 -17.71 2.64 4.37
N LYS A 53 -18.65 3.59 4.39
CA LYS A 53 -19.69 3.54 5.41
C LYS A 53 -20.48 2.22 5.41
N ASN A 54 -20.76 1.67 4.24
CA ASN A 54 -21.42 0.40 4.14
C ASN A 54 -20.48 -0.71 4.55
N GLN A 55 -19.17 -0.61 4.23
CA GLN A 55 -18.20 -1.67 4.63
C GLN A 55 -18.20 -1.81 6.17
N ILE A 56 -18.33 -0.69 6.87
CA ILE A 56 -18.42 -0.70 8.33
C ILE A 56 -19.63 -1.49 8.76
N VAL A 57 -20.79 -1.24 8.12
CA VAL A 57 -22.04 -1.94 8.44
C VAL A 57 -21.84 -3.43 8.21
N GLN A 58 -21.18 -3.76 7.10
CA GLN A 58 -20.94 -5.19 6.77
C GLN A 58 -20.00 -5.86 7.77
N LEU A 59 -18.94 -5.18 8.20
CA LEU A 59 -18.06 -5.74 9.22
C LEU A 59 -18.74 -5.89 10.54
N GLU A 60 -19.66 -4.99 10.89
CA GLU A 60 -20.40 -5.17 12.09
C GLU A 60 -21.23 -6.42 12.02
N THR A 61 -21.74 -6.81 10.83
CA THR A 61 -22.46 -8.10 10.72
C THR A 61 -21.59 -9.29 10.95
N ILE A 62 -20.33 -9.23 10.53
CA ILE A 62 -19.38 -10.31 10.76
C ILE A 62 -19.05 -10.41 12.25
N LEU A 63 -18.82 -9.26 12.89
CA LEU A 63 -18.57 -9.25 14.35
C LEU A 63 -19.73 -9.91 15.07
N ASP A 64 -20.94 -9.50 14.74
CA ASP A 64 -22.15 -10.12 15.34
C ASP A 64 -22.24 -11.63 15.14
N ARG A 65 -21.97 -12.11 13.92
CA ARG A 65 -21.95 -13.57 13.64
C ARG A 65 -20.98 -14.33 14.51
N ASN A 66 -19.85 -13.71 14.86
CA ASN A 66 -18.86 -14.27 15.71
C ASN A 66 -19.01 -13.99 17.24
N ASP A 67 -20.13 -13.33 17.59
CA ASP A 67 -20.48 -12.95 18.99
C ASP A 67 -19.40 -12.15 19.68
N ILE A 68 -18.88 -11.17 18.93
CA ILE A 68 -17.91 -10.22 19.42
C ILE A 68 -18.36 -8.84 18.98
N SER A 69 -17.67 -7.86 19.54
CA SER A 69 -17.90 -6.45 19.29
C SER A 69 -16.63 -5.75 18.87
N ARG A 70 -16.81 -4.58 18.25
CA ARG A 70 -15.69 -3.72 17.94
C ARG A 70 -14.92 -3.39 19.18
N SER A 71 -13.65 -3.07 19.00
CA SER A 71 -12.84 -2.45 20.01
C SER A 71 -12.92 -0.98 19.91
N VAL A 72 -13.39 -0.32 21.01
CA VAL A 72 -13.55 1.09 20.96
C VAL A 72 -12.17 1.73 21.02
N ILE A 73 -11.25 1.14 21.80
CA ILE A 73 -9.89 1.62 21.84
C ILE A 73 -9.24 1.56 20.46
N LYS A 74 -9.36 0.41 19.78
CA LYS A 74 -8.74 0.32 18.48
C LYS A 74 -9.38 1.30 17.50
N ASP A 75 -10.69 1.43 17.53
CA ASP A 75 -11.42 2.35 16.65
C ASP A 75 -10.91 3.80 16.86
N SER A 76 -10.65 4.13 18.11
CA SER A 76 -10.18 5.44 18.44
C SER A 76 -8.73 5.61 18.03
N SER A 78 -7.09 4.02 15.70
CA SER A 78 -6.94 4.03 14.24
C SER A 78 -7.29 5.41 13.66
N LYS A 79 -8.27 6.08 14.29
CA LYS A 79 -8.60 7.45 13.91
C LYS A 79 -7.48 8.48 14.31
N ALA A 81 -4.19 7.45 13.87
CA ALA A 81 -3.00 6.80 13.28
C ALA A 81 -2.40 7.56 12.08
N ASP A 94 2.67 20.36 -3.64
CA ASP A 94 2.79 18.91 -3.98
C ASP A 94 1.55 18.07 -3.69
N GLU A 95 0.67 18.65 -2.88
CA GLU A 95 -0.24 17.94 -2.05
C GLU A 95 -1.13 17.05 -2.89
N ILE A 96 -1.71 17.52 -4.01
CA ILE A 96 -2.70 16.65 -4.69
C ILE A 96 -2.07 15.35 -5.21
N VAL A 97 -0.82 15.43 -5.65
CA VAL A 97 -0.14 14.24 -6.17
C VAL A 97 0.17 13.30 -4.99
N LYS A 98 0.76 13.88 -3.96
CA LYS A 98 1.15 13.09 -2.77
C LYS A 98 -0.09 12.49 -2.10
N GLY A 99 -1.17 13.26 -2.04
CA GLY A 99 -2.37 12.77 -1.46
C GLY A 99 -2.99 11.62 -2.26
N SER A 100 -2.94 11.69 -3.59
CA SER A 100 -3.39 10.59 -4.41
C SER A 100 -2.59 9.34 -4.16
N ILE A 101 -1.29 9.49 -4.05
CA ILE A 101 -0.42 8.37 -3.76
C ILE A 101 -0.79 7.77 -2.38
N SER A 102 -0.98 8.63 -1.38
CA SER A 102 -1.37 8.21 -0.06
C SER A 102 -2.67 7.46 -0.05
N GLY A 103 -3.60 7.96 -0.82
CA GLY A 103 -4.90 7.27 -0.90
C GLY A 103 -4.81 5.88 -1.48
N TYR A 104 -4.05 5.76 -2.54
CA TYR A 104 -3.77 4.42 -3.17
C TYR A 104 -3.14 3.49 -2.18
N VAL A 105 -2.13 3.96 -1.45
CA VAL A 105 -1.44 3.12 -0.52
C VAL A 105 -2.38 2.65 0.58
N PHE A 106 -3.27 3.49 1.07
CA PHE A 106 -4.22 3.01 2.04
C PHE A 106 -5.14 1.96 1.48
N GLU A 107 -5.60 2.09 0.24
CA GLU A 107 -6.44 1.01 -0.31
C GLU A 107 -5.66 -0.30 -0.41
N GLN A 108 -4.37 -0.24 -0.70
CA GLN A 108 -3.56 -1.43 -0.82
C GLN A 108 -3.34 -2.08 0.57
N PHE A 109 -3.25 -1.26 1.63
CA PHE A 109 -3.29 -1.80 3.00
C PHE A 109 -4.54 -2.54 3.26
N GLU A 110 -5.69 -1.98 2.85
CA GLU A 110 -6.93 -2.68 3.01
C GLU A 110 -6.94 -3.99 2.25
N ILE A 111 -6.47 -3.94 1.02
CA ILE A 111 -6.41 -5.16 0.22
C ILE A 111 -5.61 -6.26 0.89
N ALA A 112 -4.43 -5.89 1.38
CA ALA A 112 -3.61 -6.85 2.10
C ALA A 112 -4.24 -7.39 3.36
N CYS A 113 -4.87 -6.49 4.10
CA CYS A 113 -5.50 -6.95 5.32
C CYS A 113 -6.67 -7.87 5.05
N TYR A 114 -7.48 -7.58 4.04
CA TYR A 114 -8.63 -8.43 3.74
C TYR A 114 -8.17 -9.74 3.13
N THR A 115 -7.09 -9.73 2.38
CA THR A 115 -6.56 -11.01 1.82
C THR A 115 -6.14 -11.93 2.98
N SER A 116 -5.50 -11.34 3.98
CA SER A 116 -5.10 -12.09 5.15
C SER A 116 -6.34 -12.60 5.90
N LEU A 117 -7.31 -11.73 6.03
CA LEU A 117 -8.54 -12.07 6.75
C LEU A 117 -9.33 -13.21 6.08
N LEU A 118 -9.33 -13.24 4.77
CA LEU A 118 -9.93 -14.41 4.06
C LEU A 118 -9.29 -15.71 4.51
N ALA A 119 -7.95 -15.71 4.60
CA ALA A 119 -7.24 -16.92 4.96
C ALA A 119 -7.60 -17.23 6.43
N ALA A 120 -7.67 -16.19 7.26
CA ALA A 120 -7.99 -16.43 8.70
C ALA A 120 -9.37 -16.96 8.89
N ALA A 121 -10.34 -16.39 8.16
CA ALA A 121 -11.72 -16.87 8.28
C ALA A 121 -11.81 -18.28 7.81
N LYS A 122 -11.08 -18.62 6.73
CA LYS A 122 -11.03 -20.03 6.31
C LYS A 122 -10.47 -20.96 7.42
N ASN A 123 -9.38 -20.56 8.04
CA ASN A 123 -8.76 -21.33 9.09
C ASN A 123 -9.65 -21.51 10.25
N ALA A 124 -10.38 -20.47 10.61
CA ALA A 124 -11.27 -20.50 11.74
C ALA A 124 -12.54 -21.28 11.47
N GLY A 125 -12.88 -21.42 10.21
CA GLY A 125 -14.13 -22.06 9.80
C GLY A 125 -15.32 -21.12 9.71
N ASP A 126 -15.12 -19.83 9.55
CA ASP A 126 -16.19 -18.86 9.48
C ASP A 126 -16.53 -18.72 8.01
N THR A 127 -17.05 -19.79 7.45
CA THR A 127 -17.31 -19.81 6.00
C THR A 127 -18.35 -18.79 5.58
N ALA A 128 -19.31 -18.59 6.45
CA ALA A 128 -20.49 -17.74 6.17
C ALA A 128 -20.05 -16.30 5.99
N SER A 129 -18.91 -15.90 6.58
CA SER A 129 -18.44 -14.51 6.47
C SER A 129 -17.57 -14.25 5.24
N ILE A 130 -17.09 -15.31 4.60
CA ILE A 130 -16.15 -15.12 3.48
C ILE A 130 -16.76 -14.34 2.33
N PRO A 131 -18.01 -14.56 1.95
CA PRO A 131 -18.47 -13.76 0.81
C PRO A 131 -18.60 -12.23 1.13
N THR A 132 -18.85 -11.85 2.41
CA THR A 132 -18.85 -10.44 2.82
C THR A 132 -17.48 -9.88 2.76
N ILE A 133 -16.49 -10.64 3.23
CA ILE A 133 -15.10 -10.18 3.18
C ILE A 133 -14.71 -10.00 1.72
N GLU A 134 -15.08 -10.97 0.86
CA GLU A 134 -14.75 -10.85 -0.56
C GLU A 134 -15.38 -9.62 -1.18
N ALA A 135 -16.64 -9.35 -0.84
CA ALA A 135 -17.34 -8.16 -1.38
C ALA A 135 -16.61 -6.90 -1.04
N ILE A 136 -16.21 -6.82 0.23
CA ILE A 136 -15.41 -5.62 0.66
C ILE A 136 -14.09 -5.50 -0.10
N LEU A 137 -13.34 -6.59 -0.13
CA LEU A 137 -12.03 -6.64 -0.77
C LEU A 137 -12.21 -6.17 -2.25
N ASN A 138 -13.24 -6.62 -2.91
CA ASN A 138 -13.49 -6.30 -4.36
C ASN A 138 -13.72 -4.80 -4.51
N GLU A 139 -14.35 -4.17 -3.52
CA GLU A 139 -14.52 -2.72 -3.60
C GLU A 139 -13.20 -1.98 -3.41
N GLU A 140 -12.34 -2.48 -2.51
CA GLU A 140 -11.05 -1.87 -2.33
C GLU A 140 -10.18 -1.98 -3.58
N LYS A 141 -10.19 -3.18 -4.22
CA LYS A 141 -9.47 -3.41 -5.49
CA LYS A 141 -9.46 -3.39 -5.48
C LYS A 141 -9.97 -2.48 -6.58
N HIS A 142 -11.28 -2.32 -6.68
CA HIS A 142 -11.82 -1.41 -7.69
C HIS A 142 -11.30 0.04 -7.43
N ALA A 144 -8.54 0.97 -5.67
CA ALA A 144 -7.11 1.03 -5.93
C ALA A 144 -6.82 1.12 -7.47
N ASP A 145 -7.56 0.31 -8.25
CA ASP A 145 -7.38 0.31 -9.70
C ASP A 145 -7.69 1.69 -10.33
N TRP A 146 -8.76 2.26 -9.85
CA TRP A 146 -9.17 3.60 -10.29
C TRP A 146 -8.11 4.60 -9.99
N LEU A 147 -7.66 4.60 -8.76
CA LEU A 147 -6.63 5.56 -8.38
C LEU A 147 -5.33 5.42 -9.16
N ILE A 148 -4.83 4.21 -9.33
CA ILE A 148 -3.53 4.05 -9.98
C ILE A 148 -3.68 4.40 -11.49
N GLN A 149 -4.85 4.16 -12.02
CA GLN A 149 -5.16 4.57 -13.41
C GLN A 149 -5.19 6.09 -13.57
N HIS A 150 -5.59 6.83 -12.53
CA HIS A 150 -5.74 8.27 -12.64
C HIS A 150 -4.58 9.04 -12.14
N ILE A 151 -3.65 8.38 -11.44
CA ILE A 151 -2.46 9.07 -10.95
C ILE A 151 -1.66 9.78 -12.06
N PRO A 152 -1.49 9.15 -13.24
CA PRO A 152 -0.78 9.85 -14.30
C PRO A 152 -1.49 11.13 -14.79
N GLN A 153 -2.82 11.08 -14.93
CA GLN A 153 -3.61 12.23 -15.32
C GLN A 153 -3.52 13.34 -14.33
N THR A 154 -3.60 12.99 -13.05
CA THR A 154 -3.53 13.95 -11.97
C THR A 154 -2.15 14.62 -11.95
N THR A 155 -1.12 13.82 -12.08
CA THR A 155 0.28 14.31 -12.10
C THR A 155 0.48 15.28 -13.28
N GLU A 156 -0.07 14.92 -14.46
CA GLU A 156 0.01 15.80 -15.63
C GLU A 156 -0.70 17.13 -15.42
N LYS A 157 -1.91 17.08 -14.89
CA LYS A 157 -2.71 18.27 -14.58
C LYS A 157 -1.96 19.18 -13.63
N PHE A 158 -1.41 18.60 -12.57
CA PHE A 158 -0.66 19.33 -11.58
C PHE A 158 0.50 20.03 -12.21
N LEU A 159 1.25 19.34 -13.04
CA LEU A 159 2.43 19.94 -13.66
C LEU A 159 2.04 21.04 -14.62
N ILE A 160 1.02 20.79 -15.43
CA ILE A 160 0.53 21.83 -16.36
C ILE A 160 0.19 23.10 -15.60
N ARG A 161 -0.50 22.96 -14.48
CA ARG A 161 -0.92 24.10 -13.71
C ARG A 161 0.18 24.78 -12.93
N SER A 162 1.30 24.10 -12.75
CA SER A 162 2.38 24.65 -11.97
C SER A 162 3.05 25.77 -12.78
N GLU A 163 2.88 25.76 -14.12
CA GLU A 163 3.54 26.75 -15.03
C GLU A 163 2.83 28.12 -15.01
N ALA B 3 7.84 26.62 -17.82
CA ALA B 3 8.37 25.21 -17.84
C ALA B 3 9.41 24.87 -16.70
N ASN B 5 9.10 25.57 -13.43
CA ASN B 5 8.37 25.00 -12.28
C ASN B 5 8.08 23.53 -12.49
N ARG B 6 7.67 23.12 -13.69
CA ARG B 6 7.43 21.70 -13.97
C ARG B 6 8.68 20.85 -13.80
N ILE B 7 9.79 21.35 -14.33
CA ILE B 7 11.03 20.61 -14.24
C ILE B 7 11.49 20.53 -12.80
N GLU B 8 11.29 21.60 -12.05
CA GLU B 8 11.63 21.54 -10.65
C GLU B 8 10.84 20.51 -9.87
N HIS B 9 9.55 20.39 -10.17
CA HIS B 9 8.73 19.37 -9.50
C HIS B 9 9.27 18.01 -9.81
N TYR B 10 9.61 17.78 -11.07
CA TYR B 10 10.15 16.46 -11.45
C TYR B 10 11.46 16.20 -10.69
N HIS B 11 12.30 17.22 -10.59
CA HIS B 11 13.53 17.04 -9.81
C HIS B 11 13.27 16.73 -8.34
N ASP B 12 12.32 17.43 -7.74
CA ASP B 12 11.95 17.21 -6.35
C ASP B 12 11.53 15.75 -6.19
N TRP B 13 10.76 15.23 -7.15
CA TRP B 13 10.22 13.87 -7.04
C TRP B 13 11.30 12.81 -7.27
N LEU B 14 12.31 13.12 -8.12
CA LEU B 14 13.51 12.27 -8.21
C LEU B 14 14.23 12.19 -6.88
N ARG B 15 14.47 13.34 -6.24
CA ARG B 15 15.05 13.34 -4.90
C ARG B 15 14.17 12.59 -3.84
N ASP B 16 12.86 12.72 -3.94
CA ASP B 16 11.96 11.97 -3.04
C ASP B 16 12.15 10.45 -3.26
N ALA B 17 12.31 10.02 -4.52
CA ALA B 17 12.37 8.62 -4.84
C ALA B 17 13.66 8.06 -4.33
N HIS B 18 14.75 8.83 -4.40
CA HIS B 18 16.01 8.39 -3.95
C HIS B 18 15.98 8.23 -2.45
N ALA B 19 15.36 9.18 -1.71
CA ALA B 19 15.22 9.05 -0.22
C ALA B 19 14.38 7.83 0.11
N GLU B 21 14.13 5.03 -1.58
CA GLU B 21 14.83 3.80 -1.83
C GLU B 21 15.85 3.58 -0.71
N LYS B 22 16.41 4.64 -0.16
CA LYS B 22 17.18 4.41 1.11
C LYS B 22 16.31 3.89 2.31
N GLN B 23 15.11 4.40 2.47
CA GLN B 23 14.14 3.88 3.43
C GLN B 23 13.88 2.40 3.12
N ALA B 24 13.75 2.08 1.84
CA ALA B 24 13.43 0.69 1.44
C ALA B 24 14.58 -0.24 1.79
N GLU B 25 15.82 0.21 1.57
CA GLU B 25 16.97 -0.63 1.78
C GLU B 25 16.99 -1.00 3.26
N SER B 26 16.71 0.02 4.11
CA SER B 26 16.73 -0.16 5.56
C SER B 26 15.60 -1.09 6.00
N LEU B 28 14.10 -3.38 4.17
CA LEU B 28 14.28 -4.75 3.67
C LEU B 28 15.25 -5.54 4.55
N GLU B 29 16.38 -4.91 4.88
CA GLU B 29 17.34 -5.53 5.83
C GLU B 29 16.69 -5.89 7.15
N SER B 30 15.97 -4.94 7.73
CA SER B 30 15.30 -5.21 8.99
C SER B 30 14.31 -6.36 8.84
N ALA B 32 14.36 -8.92 6.58
CA ALA B 32 15.04 -10.19 6.35
C ALA B 32 15.44 -10.76 7.71
N SER B 33 15.92 -9.89 8.61
CA SER B 33 16.41 -10.37 9.91
C SER B 33 15.30 -10.93 10.83
N ARG B 34 14.07 -10.47 10.64
CA ARG B 34 12.91 -10.88 11.47
C ARG B 34 12.03 -12.02 10.92
N ILE B 35 12.24 -12.48 9.68
CA ILE B 35 11.42 -13.57 9.08
C ILE B 35 12.05 -14.93 9.45
N ASP B 36 11.47 -15.66 10.42
CA ASP B 36 12.13 -16.91 10.89
C ASP B 36 11.49 -18.22 10.48
N ASN B 37 10.35 -18.14 9.82
CA ASN B 37 9.52 -19.33 9.54
C ASN B 37 8.97 -19.28 8.12
N TYR B 38 9.66 -18.57 7.24
CA TYR B 38 9.26 -18.56 5.87
C TYR B 38 10.53 -18.34 5.07
N PRO B 39 11.35 -19.41 4.98
CA PRO B 39 12.52 -19.42 4.11
C PRO B 39 12.29 -18.79 2.73
N GLU B 40 11.23 -19.15 2.05
CA GLU B 40 10.98 -18.68 0.70
C GLU B 40 10.71 -17.14 0.70
N LEU B 41 10.03 -16.67 1.71
CA LEU B 41 9.77 -15.22 1.89
C LEU B 41 11.05 -14.48 2.26
N ARG B 42 11.83 -15.01 3.21
CA ARG B 42 13.06 -14.31 3.51
C ARG B 42 13.98 -14.25 2.27
N ALA B 43 14.07 -15.35 1.53
CA ALA B 43 14.86 -15.41 0.30
C ALA B 43 14.37 -14.35 -0.76
N ARG B 44 13.07 -14.27 -0.97
CA ARG B 44 12.49 -13.18 -1.82
C ARG B 44 12.85 -11.75 -1.36
N ILE B 45 12.79 -11.55 -0.06
CA ILE B 45 13.13 -10.28 0.51
C ILE B 45 14.60 -10.03 0.25
N GLU B 46 15.47 -10.99 0.48
CA GLU B 46 16.91 -10.79 0.24
C GLU B 46 17.23 -10.50 -1.22
N GLN B 47 16.54 -11.18 -2.13
CA GLN B 47 16.67 -10.88 -3.55
C GLN B 47 16.20 -9.45 -3.82
N HIS B 48 15.10 -9.02 -3.21
CA HIS B 48 14.68 -7.65 -3.47
C HIS B 48 15.63 -6.58 -2.87
N LEU B 49 16.24 -6.89 -1.74
CA LEU B 49 17.23 -5.99 -1.13
C LEU B 49 18.40 -5.75 -2.10
N SER B 50 18.83 -6.82 -2.76
CA SER B 50 19.82 -6.65 -3.79
C SER B 50 19.32 -5.81 -4.91
N GLU B 51 18.08 -6.07 -5.35
CA GLU B 51 17.49 -5.23 -6.41
C GLU B 51 17.45 -3.77 -6.02
N THR B 52 17.06 -3.51 -4.79
CA THR B 52 16.90 -2.14 -4.28
C THR B 52 18.25 -1.41 -4.24
N LYS B 53 19.33 -2.10 -3.84
CA LYS B 53 20.64 -1.42 -3.76
C LYS B 53 20.98 -0.96 -5.17
N ASN B 54 20.60 -1.76 -6.16
CA ASN B 54 20.81 -1.37 -7.58
C ASN B 54 19.87 -0.24 -8.09
N GLN B 55 18.62 -0.26 -7.62
CA GLN B 55 17.68 0.87 -7.86
C GLN B 55 18.27 2.19 -7.39
N ILE B 56 18.96 2.22 -6.25
CA ILE B 56 19.60 3.43 -5.73
C ILE B 56 20.70 3.91 -6.68
N VAL B 57 21.49 2.97 -7.19
CA VAL B 57 22.56 3.32 -8.14
C VAL B 57 21.94 3.85 -9.44
N GLN B 58 20.83 3.26 -9.88
CA GLN B 58 20.15 3.78 -11.10
C GLN B 58 19.55 5.16 -10.91
N LEU B 59 18.88 5.39 -9.78
CA LEU B 59 18.40 6.75 -9.47
C LEU B 59 19.57 7.73 -9.39
N GLU B 60 20.68 7.25 -8.87
CA GLU B 60 21.85 8.13 -8.83
C GLU B 60 22.32 8.53 -10.23
N THR B 61 22.22 7.65 -11.22
CA THR B 61 22.58 8.02 -12.59
C THR B 61 21.60 9.02 -13.18
N ILE B 62 20.31 8.87 -12.84
CA ILE B 62 19.32 9.79 -13.33
C ILE B 62 19.52 11.16 -12.71
N LEU B 63 19.80 11.20 -11.40
CA LEU B 63 20.08 12.47 -10.73
C LEU B 63 21.24 13.16 -11.46
N ASP B 64 22.33 12.43 -11.68
CA ASP B 64 23.51 13.03 -12.30
C ASP B 64 23.15 13.60 -13.66
N ARG B 65 22.43 12.82 -14.45
CA ARG B 65 22.11 13.25 -15.80
C ARG B 65 21.22 14.49 -15.84
N ASN B 66 20.41 14.67 -14.79
CA ASN B 66 19.59 15.85 -14.63
C ASN B 66 20.34 16.99 -13.87
N ASP B 67 21.62 16.80 -13.56
CA ASP B 67 22.44 17.81 -12.83
C ASP B 67 21.84 18.22 -11.49
N ILE B 68 21.28 17.25 -10.76
CA ILE B 68 20.83 17.50 -9.40
C ILE B 68 21.52 16.53 -8.46
N SER B 69 21.37 16.79 -7.16
CA SER B 69 21.90 15.93 -6.15
C SER B 69 20.75 15.45 -5.30
N ARG B 70 20.96 14.34 -4.62
CA ARG B 70 20.04 13.85 -3.61
C ARG B 70 19.80 14.96 -2.61
N SER B 71 18.67 14.91 -1.90
CA SER B 71 18.48 15.78 -0.75
C SER B 71 19.07 15.07 0.47
N VAL B 72 20.05 15.68 1.12
CA VAL B 72 20.56 15.19 2.40
C VAL B 72 19.48 15.09 3.49
N ILE B 73 18.66 16.13 3.65
CA ILE B 73 17.63 16.12 4.69
C ILE B 73 16.58 15.02 4.46
N LYS B 74 16.07 14.89 3.23
CA LYS B 74 15.07 13.85 2.90
C LYS B 74 15.63 12.42 3.09
N ASP B 75 16.89 12.20 2.67
CA ASP B 75 17.58 10.90 2.88
C ASP B 75 17.70 10.56 4.38
N SER B 76 18.39 11.41 5.13
CA SER B 76 18.88 11.06 6.47
C SER B 76 18.43 12.09 7.49
N GLU B 95 3.25 -11.30 14.59
CA GLU B 95 4.04 -10.23 14.02
C GLU B 95 4.29 -10.38 12.53
N ILE B 96 4.59 -11.60 12.08
CA ILE B 96 4.97 -11.85 10.68
C ILE B 96 3.85 -11.47 9.71
N VAL B 97 2.61 -11.59 10.17
CA VAL B 97 1.47 -11.26 9.27
C VAL B 97 1.44 -9.75 9.08
N LYS B 98 1.50 -8.99 10.20
CA LYS B 98 1.51 -7.54 10.07
C LYS B 98 2.77 -7.09 9.32
N GLY B 99 3.93 -7.75 9.56
CA GLY B 99 5.11 -7.43 8.77
C GLY B 99 4.98 -7.63 7.27
N SER B 100 4.32 -8.74 6.84
CA SER B 100 4.15 -9.04 5.42
CA SER B 100 4.15 -9.04 5.42
C SER B 100 3.21 -8.03 4.79
N ILE B 101 2.16 -7.68 5.50
CA ILE B 101 1.25 -6.63 5.10
C ILE B 101 2.03 -5.32 4.93
N SER B 102 2.83 -4.90 5.95
CA SER B 102 3.61 -3.67 5.88
C SER B 102 4.59 -3.66 4.70
N GLY B 103 5.22 -4.80 4.44
CA GLY B 103 6.11 -4.86 3.28
C GLY B 103 5.36 -4.65 1.96
N TYR B 104 4.23 -5.32 1.83
CA TYR B 104 3.39 -5.14 0.67
C TYR B 104 3.00 -3.69 0.44
N VAL B 105 2.56 -3.04 1.49
CA VAL B 105 2.12 -1.65 1.43
C VAL B 105 3.27 -0.77 1.01
N PHE B 106 4.47 -1.01 1.52
CA PHE B 106 5.61 -0.23 1.07
C PHE B 106 5.89 -0.44 -0.43
N GLU B 107 5.82 -1.68 -0.93
CA GLU B 107 6.03 -1.87 -2.38
C GLU B 107 4.97 -1.13 -3.19
N GLN B 108 3.74 -1.12 -2.72
CA GLN B 108 2.66 -0.38 -3.35
C GLN B 108 2.87 1.14 -3.32
N PHE B 109 3.48 1.67 -2.25
CA PHE B 109 3.87 3.07 -2.24
C PHE B 109 4.90 3.34 -3.37
N GLU B 110 5.93 2.48 -3.47
CA GLU B 110 6.86 2.59 -4.57
C GLU B 110 6.16 2.54 -5.94
N ILE B 111 5.20 1.62 -6.11
CA ILE B 111 4.46 1.49 -7.39
C ILE B 111 3.76 2.80 -7.70
N ALA B 112 3.05 3.35 -6.74
CA ALA B 112 2.33 4.57 -6.95
C ALA B 112 3.34 5.74 -7.22
N CYS B 113 4.43 5.84 -6.46
CA CYS B 113 5.39 6.90 -6.67
CA CYS B 113 5.44 6.87 -6.63
C CYS B 113 6.03 6.80 -8.08
N TYR B 114 6.38 5.58 -8.55
CA TYR B 114 7.01 5.45 -9.87
C TYR B 114 6.05 5.65 -11.00
N THR B 115 4.80 5.29 -10.77
CA THR B 115 3.69 5.58 -11.73
C THR B 115 3.57 7.09 -11.94
N SER B 116 3.61 7.85 -10.86
CA SER B 116 3.61 9.31 -10.95
C SER B 116 4.91 9.85 -11.54
N LEU B 117 6.03 9.29 -11.18
CA LEU B 117 7.35 9.75 -11.68
C LEU B 117 7.46 9.55 -13.19
N LEU B 118 6.92 8.47 -13.67
CA LEU B 118 6.88 8.21 -15.13
C LEU B 118 6.11 9.25 -15.89
N ALA B 119 4.97 9.62 -15.37
CA ALA B 119 4.12 10.68 -15.97
C ALA B 119 4.87 12.01 -15.93
N ALA B 120 5.58 12.25 -14.83
CA ALA B 120 6.40 13.48 -14.69
C ALA B 120 7.57 13.53 -15.63
N ALA B 121 8.23 12.40 -15.84
CA ALA B 121 9.39 12.33 -16.74
C ALA B 121 8.92 12.62 -18.15
N LYS B 122 7.79 12.05 -18.53
CA LYS B 122 7.21 12.32 -19.85
C LYS B 122 6.81 13.78 -20.01
N ASN B 123 6.17 14.36 -18.99
CA ASN B 123 5.80 15.77 -19.04
C ASN B 123 7.03 16.69 -19.14
N ALA B 124 8.05 16.41 -18.33
CA ALA B 124 9.24 17.27 -18.22
C ALA B 124 10.13 17.07 -19.40
N GLY B 125 9.94 15.96 -20.11
CA GLY B 125 10.74 15.60 -21.26
C GLY B 125 12.07 14.94 -20.96
N ASP B 126 12.19 14.29 -19.80
CA ASP B 126 13.35 13.48 -19.51
C ASP B 126 13.07 12.07 -19.99
N THR B 127 12.79 11.96 -21.28
CA THR B 127 12.46 10.71 -21.96
C THR B 127 13.54 9.63 -21.89
N ALA B 128 14.79 10.09 -21.87
CA ALA B 128 15.98 9.28 -21.63
C ALA B 128 15.91 8.39 -20.38
N SER B 129 15.21 8.85 -19.35
CA SER B 129 15.15 8.08 -18.09
C SER B 129 14.01 7.09 -18.05
N ILE B 130 13.09 7.16 -19.00
CA ILE B 130 11.85 6.39 -18.97
C ILE B 130 12.18 4.90 -18.88
N PRO B 131 13.12 4.41 -19.71
CA PRO B 131 13.34 2.95 -19.57
C PRO B 131 13.88 2.50 -18.19
N THR B 132 14.72 3.32 -17.54
CA THR B 132 15.26 2.98 -16.20
C THR B 132 14.11 3.05 -15.21
N ILE B 133 13.27 4.07 -15.27
CA ILE B 133 12.15 4.17 -14.30
C ILE B 133 11.15 3.01 -14.51
N GLU B 134 10.89 2.64 -15.76
CA GLU B 134 10.00 1.55 -16.05
C GLU B 134 10.57 0.22 -15.50
N ALA B 135 11.89 0.06 -15.59
CA ALA B 135 12.56 -1.18 -15.10
C ALA B 135 12.38 -1.26 -13.61
N ILE B 136 12.58 -0.12 -12.95
CA ILE B 136 12.41 -0.08 -11.46
C ILE B 136 10.99 -0.43 -11.08
N LEU B 137 10.04 0.23 -11.75
CA LEU B 137 8.61 -0.01 -11.48
C LEU B 137 8.22 -1.48 -11.64
N ASN B 138 8.70 -2.13 -12.70
CA ASN B 138 8.40 -3.55 -12.90
C ASN B 138 8.99 -4.44 -11.82
N GLU B 139 10.17 -4.11 -11.27
CA GLU B 139 10.68 -4.83 -10.08
C GLU B 139 9.74 -4.73 -8.87
N GLU B 140 9.29 -3.51 -8.59
CA GLU B 140 8.41 -3.26 -7.49
C GLU B 140 7.09 -4.02 -7.65
N LYS B 141 6.53 -3.99 -8.88
CA LYS B 141 5.32 -4.74 -9.21
C LYS B 141 5.53 -6.24 -8.97
N HIS B 142 6.63 -6.80 -9.46
CA HIS B 142 6.92 -8.21 -9.17
C HIS B 142 7.03 -8.57 -7.69
N ALA B 144 5.63 -6.84 -5.15
CA ALA B 144 4.28 -6.67 -4.58
C ALA B 144 3.42 -7.90 -4.89
N ASP B 145 3.45 -8.29 -6.15
CA ASP B 145 2.80 -9.52 -6.56
C ASP B 145 3.19 -10.75 -5.76
N TRP B 146 4.46 -10.96 -5.55
CA TRP B 146 4.87 -12.14 -4.79
C TRP B 146 4.30 -12.07 -3.39
N LEU B 147 4.40 -10.88 -2.80
CA LEU B 147 3.95 -10.73 -1.47
C LEU B 147 2.46 -11.02 -1.31
N ILE B 148 1.60 -10.39 -2.11
CA ILE B 148 0.15 -10.59 -1.88
C ILE B 148 -0.17 -12.03 -2.15
N GLN B 149 0.48 -12.61 -3.15
CA GLN B 149 0.14 -14.04 -3.50
C GLN B 149 0.42 -14.97 -2.38
N HIS B 150 1.39 -14.60 -1.50
CA HIS B 150 1.83 -15.44 -0.42
C HIS B 150 1.32 -15.00 0.94
N ILE B 151 0.54 -13.91 1.00
CA ILE B 151 -0.04 -13.50 2.32
C ILE B 151 -0.98 -14.59 2.88
N PRO B 152 -1.77 -15.27 2.05
CA PRO B 152 -2.61 -16.33 2.62
C PRO B 152 -1.81 -17.45 3.26
N GLN B 153 -0.72 -17.83 2.65
CA GLN B 153 0.15 -18.88 3.21
C GLN B 153 0.84 -18.44 4.45
N THR B 154 1.30 -17.19 4.47
CA THR B 154 1.93 -16.63 5.66
C THR B 154 0.94 -16.62 6.83
N THR B 155 -0.31 -16.23 6.56
CA THR B 155 -1.34 -16.17 7.59
C THR B 155 -1.64 -17.57 8.16
N GLU B 156 -1.78 -18.56 7.27
CA GLU B 156 -2.05 -19.95 7.68
C GLU B 156 -0.92 -20.48 8.52
N LYS B 157 0.31 -20.26 8.05
CA LYS B 157 1.54 -20.68 8.82
C LYS B 157 1.55 -20.05 10.22
N PHE B 158 1.31 -18.76 10.29
CA PHE B 158 1.26 -18.08 11.57
C PHE B 158 0.21 -18.63 12.51
N LEU B 159 -1.01 -18.88 12.01
CA LEU B 159 -2.07 -19.43 12.81
C LEU B 159 -1.77 -20.80 13.34
N ILE B 160 -1.19 -21.65 12.51
CA ILE B 160 -0.78 -23.00 12.92
C ILE B 160 0.24 -22.88 14.03
N ARG B 161 1.20 -21.98 13.87
CA ARG B 161 2.25 -21.86 14.87
C ARG B 161 1.66 -21.37 16.19
N SER B 162 0.70 -20.46 16.14
CA SER B 162 0.08 -19.88 17.33
C SER B 162 -0.54 -20.99 18.15
N GLU B 163 -1.08 -22.05 17.52
CA GLU B 163 -1.68 -23.17 18.25
C GLU B 163 -0.61 -24.07 18.86
N THR B 164 0.32 -24.45 17.98
CA THR B 164 1.43 -25.42 18.23
C THR B 164 2.30 -24.99 19.41
N ASP B 165 2.60 -23.68 19.46
CA ASP B 165 3.33 -23.03 20.56
C ASP B 165 2.37 -22.63 21.68
#